data_2MJS
#
_entry.id   2MJS
#
loop_
_entity.id
_entity.type
_entity.pdbx_description
1 polymer Anoplin
2 non-polymer 'UNKNOWN ATOM OR ION'
3 non-polymer 'dodecyl 2-(trimethylammonio)ethyl phosphate'
#
_entity_poly.entity_id   1
_entity_poly.type   'polypeptide(L)'
_entity_poly.pdbx_seq_one_letter_code
;GLLKKIKWLL(NH2)
;
_entity_poly.pdbx_strand_id   A
#
# COMPACT_ATOMS: atom_id res chain seq x y z
N GLY A 1 -6.96 -0.07 -3.86
CA GLY A 1 -7.10 -0.55 -2.47
C GLY A 1 -6.05 0.05 -1.56
N LEU A 2 -6.44 0.30 -0.32
CA LEU A 2 -5.56 0.95 0.65
C LEU A 2 -4.32 0.12 0.97
N LEU A 3 -4.46 -1.18 1.07
CA LEU A 3 -3.33 -2.06 1.35
C LEU A 3 -2.29 -2.01 0.27
N LYS A 4 -2.73 -1.87 -0.97
CA LYS A 4 -1.79 -1.75 -2.06
C LYS A 4 -0.97 -0.48 -1.94
N LYS A 5 -1.56 0.56 -1.40
CA LYS A 5 -0.81 1.81 -1.19
C LYS A 5 0.18 1.73 -0.06
N ILE A 6 -0.13 0.91 0.92
CA ILE A 6 0.78 0.66 2.02
C ILE A 6 1.93 -0.15 1.49
N LYS A 7 1.60 -1.16 0.71
CA LYS A 7 2.58 -2.01 0.11
C LYS A 7 3.55 -1.19 -0.70
N TRP A 8 3.03 -0.19 -1.39
CA TRP A 8 3.85 0.69 -2.18
C TRP A 8 4.80 1.54 -1.34
N LEU A 9 4.34 1.99 -0.19
CA LEU A 9 5.19 2.80 0.68
C LEU A 9 6.31 1.95 1.25
N LEU A 10 5.93 0.76 1.66
CA LEU A 10 6.82 -0.20 2.26
C LEU A 10 7.34 -1.20 1.22
N GLY A 1 -7.64 -2.47 -2.27
CA GLY A 1 -7.90 -1.59 -1.12
C GLY A 1 -6.70 -0.77 -0.75
N LEU A 2 -6.76 -0.06 0.37
CA LEU A 2 -5.66 0.81 0.82
C LEU A 2 -4.35 0.06 1.02
N LEU A 3 -4.43 -1.25 1.22
CA LEU A 3 -3.23 -2.06 1.41
C LEU A 3 -2.31 -2.01 0.22
N LYS A 4 -2.83 -1.72 -0.95
CA LYS A 4 -2.02 -1.63 -2.15
C LYS A 4 -1.11 -0.42 -2.08
N LYS A 5 -1.60 0.65 -1.48
CA LYS A 5 -0.84 1.89 -1.38
C LYS A 5 0.21 1.77 -0.32
N ILE A 6 -0.14 1.05 0.72
CA ILE A 6 0.78 0.76 1.79
C ILE A 6 1.89 -0.12 1.27
N LYS A 7 1.52 -1.07 0.43
CA LYS A 7 2.50 -1.99 -0.09
C LYS A 7 3.56 -1.23 -0.89
N TRP A 8 3.14 -0.17 -1.57
CA TRP A 8 4.06 0.64 -2.32
C TRP A 8 5.00 1.43 -1.41
N LEU A 9 4.51 1.85 -0.26
CA LEU A 9 5.24 2.73 0.64
C LEU A 9 6.27 2.05 1.52
N LEU A 10 6.08 0.76 1.74
CA LEU A 10 6.97 -0.02 2.57
C LEU A 10 7.39 -1.41 2.07
N GLY A 1 -7.87 -1.54 -2.87
CA GLY A 1 -7.85 -1.30 -1.42
C GLY A 1 -6.64 -0.49 -1.00
N LEU A 2 -6.73 0.16 0.15
CA LEU A 2 -5.63 0.99 0.66
C LEU A 2 -4.36 0.18 0.93
N LEU A 3 -4.48 -1.12 1.16
CA LEU A 3 -3.30 -1.95 1.42
C LEU A 3 -2.34 -2.00 0.25
N LYS A 4 -2.84 -1.73 -0.95
CA LYS A 4 -1.99 -1.68 -2.13
C LYS A 4 -1.06 -0.50 -2.06
N LYS A 5 -1.54 0.58 -1.48
CA LYS A 5 -0.73 1.79 -1.33
C LYS A 5 0.27 1.64 -0.21
N ILE A 6 -0.12 0.91 0.80
CA ILE A 6 0.77 0.63 1.91
C ILE A 6 1.90 -0.24 1.40
N LYS A 7 1.55 -1.21 0.56
CA LYS A 7 2.53 -2.09 -0.01
C LYS A 7 3.59 -1.29 -0.77
N TRP A 8 3.15 -0.25 -1.45
CA TRP A 8 4.05 0.61 -2.19
C TRP A 8 4.94 1.45 -1.27
N LEU A 9 4.39 1.93 -0.18
CA LEU A 9 5.15 2.78 0.76
C LEU A 9 6.18 1.96 1.51
N LEU A 10 5.88 0.70 1.70
CA LEU A 10 6.78 -0.24 2.33
C LEU A 10 7.86 -0.69 1.35
N GLY A 1 -9.39 -0.21 -1.80
CA GLY A 1 -8.56 -0.72 -0.69
C GLY A 1 -7.24 0.00 -0.60
N LEU A 2 -6.72 0.15 0.61
CA LEU A 2 -5.51 0.95 0.84
C LEU A 2 -4.24 0.15 1.02
N LEU A 3 -4.34 -1.16 1.22
CA LEU A 3 -3.13 -1.97 1.43
C LEU A 3 -2.24 -1.98 0.21
N LYS A 4 -2.81 -1.72 -0.95
CA LYS A 4 -2.02 -1.62 -2.16
C LYS A 4 -1.02 -0.46 -2.07
N LYS A 5 -1.44 0.61 -1.43
CA LYS A 5 -0.59 1.80 -1.32
C LYS A 5 0.39 1.63 -0.19
N ILE A 6 0.02 0.82 0.78
CA ILE A 6 0.94 0.45 1.85
C ILE A 6 2.04 -0.37 1.25
N LYS A 7 1.70 -1.30 0.38
CA LYS A 7 2.71 -2.10 -0.27
C LYS A 7 3.65 -1.23 -1.10
N TRP A 8 3.13 -0.17 -1.68
CA TRP A 8 3.95 0.74 -2.45
C TRP A 8 4.88 1.58 -1.57
N LEU A 9 4.41 1.98 -0.39
CA LEU A 9 5.20 2.84 0.50
C LEU A 9 6.19 2.10 1.39
N LEU A 10 5.81 0.91 1.78
CA LEU A 10 6.57 0.09 2.70
C LEU A 10 6.28 -1.41 2.51
N GLY A 1 -6.71 -0.05 -3.98
CA GLY A 1 -6.87 -0.74 -2.69
C GLY A 1 -6.03 -0.10 -1.62
N LEU A 2 -6.51 -0.11 -0.37
CA LEU A 2 -5.79 0.61 0.69
C LEU A 2 -4.49 -0.06 1.06
N LEU A 3 -4.46 -1.38 1.18
CA LEU A 3 -3.23 -2.06 1.51
C LEU A 3 -2.27 -1.96 0.36
N LYS A 4 -2.78 -1.80 -0.84
CA LYS A 4 -1.93 -1.65 -2.00
C LYS A 4 -1.13 -0.37 -1.93
N LYS A 5 -1.76 0.69 -1.46
CA LYS A 5 -1.05 1.98 -1.39
C LYS A 5 0.01 1.98 -0.31
N ILE A 6 -0.22 1.19 0.71
CA ILE A 6 0.72 1.02 1.80
C ILE A 6 1.85 0.14 1.35
N LYS A 7 1.52 -0.92 0.62
CA LYS A 7 2.52 -1.86 0.18
C LYS A 7 3.56 -1.17 -0.68
N TRP A 8 3.12 -0.16 -1.43
CA TRP A 8 4.05 0.64 -2.21
C TRP A 8 5.04 1.37 -1.32
N LEU A 9 4.58 1.86 -0.18
CA LEU A 9 5.43 2.62 0.73
C LEU A 9 6.40 1.72 1.48
N LEU A 10 5.99 0.48 1.68
CA LEU A 10 6.81 -0.53 2.31
C LEU A 10 7.89 -1.04 1.36
N GLY A 1 -6.73 -1.34 -3.67
CA GLY A 1 -7.27 -0.94 -2.37
C GLY A 1 -6.23 -0.26 -1.51
N LEU A 2 -6.63 0.12 -0.30
CA LEU A 2 -5.76 0.83 0.64
C LEU A 2 -4.48 0.06 0.99
N LEU A 3 -4.57 -1.25 1.10
CA LEU A 3 -3.37 -2.07 1.38
C LEU A 3 -2.36 -1.98 0.28
N LYS A 4 -2.81 -1.89 -0.95
CA LYS A 4 -1.89 -1.75 -2.07
C LYS A 4 -1.09 -0.46 -1.96
N LYS A 5 -1.72 0.57 -1.42
CA LYS A 5 -1.06 1.86 -1.26
C LYS A 5 0.05 1.79 -0.24
N ILE A 6 -0.23 1.08 0.83
CA ILE A 6 0.73 0.90 1.91
C ILE A 6 1.85 0.02 1.43
N LYS A 7 1.50 -1.01 0.67
CA LYS A 7 2.49 -1.94 0.18
C LYS A 7 3.53 -1.19 -0.65
N TRP A 8 3.10 -0.17 -1.39
CA TRP A 8 4.01 0.65 -2.15
C TRP A 8 4.99 1.44 -1.27
N LEU A 9 4.54 1.88 -0.11
CA LEU A 9 5.40 2.66 0.78
C LEU A 9 6.47 1.80 1.41
N LEU A 10 6.09 0.56 1.68
CA LEU A 10 7.00 -0.43 2.23
C LEU A 10 8.08 -0.78 1.20
N GLY A 1 -7.87 -1.98 -2.74
CA GLY A 1 -7.98 -1.38 -1.40
C GLY A 1 -6.74 -0.60 -1.03
N LEU A 2 -6.80 0.09 0.10
CA LEU A 2 -5.70 0.93 0.59
C LEU A 2 -4.42 0.18 0.86
N LEU A 3 -4.52 -1.12 1.13
CA LEU A 3 -3.33 -1.93 1.42
C LEU A 3 -2.37 -1.98 0.24
N LYS A 4 -2.86 -1.69 -0.96
CA LYS A 4 -2.00 -1.58 -2.12
C LYS A 4 -1.01 -0.46 -1.94
N LYS A 5 -1.53 0.66 -1.51
CA LYS A 5 -0.73 1.87 -1.37
C LYS A 5 0.21 1.74 -0.22
N ILE A 6 -0.20 0.95 0.75
CA ILE A 6 0.63 0.63 1.89
C ILE A 6 1.77 -0.24 1.45
N LYS A 7 1.48 -1.22 0.62
CA LYS A 7 2.52 -2.06 0.13
C LYS A 7 3.54 -1.28 -0.68
N TRP A 8 3.07 -0.29 -1.42
CA TRP A 8 3.95 0.55 -2.19
C TRP A 8 4.86 1.39 -1.28
N LEU A 9 4.34 1.75 -0.11
CA LEU A 9 5.06 2.58 0.86
C LEU A 9 6.19 1.82 1.54
N LEU A 10 6.09 0.50 1.53
CA LEU A 10 7.11 -0.36 2.14
C LEU A 10 8.47 -0.14 1.48
N GLY A 1 -8.13 -0.87 -2.95
CA GLY A 1 -7.69 -1.26 -1.60
C GLY A 1 -6.55 -0.40 -1.11
N LEU A 2 -6.63 0.04 0.14
CA LEU A 2 -5.61 0.92 0.71
C LEU A 2 -4.31 0.16 0.99
N LEU A 3 -4.39 -1.14 1.23
CA LEU A 3 -3.19 -1.93 1.50
C LEU A 3 -2.26 -1.97 0.31
N LYS A 4 -2.80 -1.81 -0.89
CA LYS A 4 -2.00 -1.72 -2.09
C LYS A 4 -1.07 -0.51 -2.06
N LYS A 5 -1.61 0.59 -1.58
CA LYS A 5 -0.86 1.84 -1.47
C LYS A 5 0.14 1.77 -0.35
N ILE A 6 -0.22 1.02 0.67
CA ILE A 6 0.66 0.77 1.79
C ILE A 6 1.82 -0.11 1.36
N LYS A 7 1.55 -1.11 0.54
CA LYS A 7 2.60 -1.97 0.07
C LYS A 7 3.61 -1.19 -0.77
N TRP A 8 3.16 -0.18 -1.49
CA TRP A 8 4.06 0.68 -2.22
C TRP A 8 4.96 1.46 -1.25
N LEU A 9 4.39 1.88 -0.13
CA LEU A 9 5.10 2.66 0.88
C LEU A 9 6.15 1.83 1.60
N LEU A 10 5.87 0.54 1.70
CA LEU A 10 6.77 -0.41 2.32
C LEU A 10 7.92 -0.79 1.38
N GLY A 1 -6.72 -0.05 -3.99
CA GLY A 1 -6.96 -0.50 -2.61
C GLY A 1 -5.95 0.09 -1.65
N LEU A 2 -6.37 0.45 -0.45
CA LEU A 2 -5.47 1.06 0.52
C LEU A 2 -4.30 0.15 0.90
N LEU A 3 -4.52 -1.15 0.95
CA LEU A 3 -3.44 -2.08 1.28
C LEU A 3 -2.35 -2.05 0.24
N LYS A 4 -2.73 -1.85 -1.00
CA LYS A 4 -1.75 -1.72 -2.07
C LYS A 4 -0.90 -0.49 -1.86
N LYS A 5 -1.52 0.57 -1.38
CA LYS A 5 -0.79 1.82 -1.14
C LYS A 5 0.19 1.70 0.00
N ILE A 6 -0.18 0.94 1.00
CA ILE A 6 0.71 0.66 2.11
C ILE A 6 1.85 -0.19 1.62
N LYS A 7 1.52 -1.20 0.83
CA LYS A 7 2.54 -2.06 0.31
C LYS A 7 3.50 -1.30 -0.60
N TRP A 8 3.00 -0.28 -1.28
CA TRP A 8 3.81 0.57 -2.12
C TRP A 8 4.68 1.51 -1.31
N LEU A 9 4.21 1.91 -0.12
CA LEU A 9 5.01 2.72 0.79
C LEU A 9 6.19 1.90 1.32
N LEU A 10 5.95 0.62 1.51
CA LEU A 10 6.98 -0.32 1.95
C LEU A 10 8.02 -0.55 0.87
N GLY A 1 -6.99 -0.05 -3.71
CA GLY A 1 -7.25 -0.28 -2.27
C GLY A 1 -6.13 0.25 -1.42
N LEU A 2 -6.41 0.53 -0.14
CA LEU A 2 -5.42 1.09 0.78
C LEU A 2 -4.22 0.16 0.99
N LEU A 3 -4.45 -1.15 1.08
CA LEU A 3 -3.36 -2.09 1.30
C LEU A 3 -2.35 -2.08 0.17
N LYS A 4 -2.81 -1.82 -1.03
CA LYS A 4 -1.90 -1.67 -2.16
C LYS A 4 -0.98 -0.50 -1.93
N LYS A 5 -1.55 0.61 -1.50
CA LYS A 5 -0.78 1.82 -1.27
C LYS A 5 0.21 1.66 -0.14
N ILE A 6 -0.20 0.90 0.85
CA ILE A 6 0.66 0.59 1.98
C ILE A 6 1.81 -0.29 1.53
N LYS A 7 1.54 -1.26 0.69
CA LYS A 7 2.60 -2.12 0.20
C LYS A 7 3.58 -1.32 -0.65
N TRP A 8 3.10 -0.32 -1.36
CA TRP A 8 3.97 0.53 -2.15
C TRP A 8 4.81 1.47 -1.29
N LEU A 9 4.26 1.87 -0.14
CA LEU A 9 4.95 2.73 0.79
C LEU A 9 6.10 1.97 1.43
N LEU A 10 5.85 0.70 1.66
CA LEU A 10 6.86 -0.22 2.15
C LEU A 10 7.93 -0.45 1.07
N GLY A 1 -6.93 -0.92 -3.50
CA GLY A 1 -7.39 -0.28 -2.26
C GLY A 1 -6.25 0.21 -1.41
N LEU A 2 -6.51 0.42 -0.13
CA LEU A 2 -5.51 0.97 0.80
C LEU A 2 -4.29 0.10 1.01
N LEU A 3 -4.46 -1.21 1.13
CA LEU A 3 -3.32 -2.10 1.37
C LEU A 3 -2.33 -2.05 0.23
N LYS A 4 -2.83 -1.87 -0.98
CA LYS A 4 -1.95 -1.72 -2.12
C LYS A 4 -1.07 -0.49 -2.00
N LYS A 5 -1.66 0.58 -1.52
CA LYS A 5 -0.91 1.84 -1.36
C LYS A 5 0.11 1.72 -0.26
N ILE A 6 -0.26 0.99 0.77
CA ILE A 6 0.63 0.70 1.89
C ILE A 6 1.78 -0.15 1.43
N LYS A 7 1.49 -1.16 0.62
CA LYS A 7 2.53 -2.04 0.13
C LYS A 7 3.57 -1.26 -0.68
N TRP A 8 3.12 -0.24 -1.39
CA TRP A 8 4.02 0.59 -2.16
C TRP A 8 4.89 1.47 -1.27
N LEU A 9 4.37 1.86 -0.11
CA LEU A 9 5.11 2.74 0.81
C LEU A 9 6.23 1.99 1.53
N LEU A 10 6.08 0.68 1.64
CA LEU A 10 7.06 -0.18 2.27
C LEU A 10 7.95 -0.88 1.25
N GLY A 1 -7.29 -0.47 -3.50
CA GLY A 1 -7.40 -0.75 -2.06
C GLY A 1 -6.29 -0.11 -1.28
N LEU A 2 -6.54 0.15 0.00
CA LEU A 2 -5.57 0.84 0.86
C LEU A 2 -4.28 0.07 1.07
N LEU A 3 -4.37 -1.24 1.24
CA LEU A 3 -3.18 -2.05 1.49
C LEU A 3 -2.25 -2.04 0.29
N LYS A 4 -2.81 -1.84 -0.89
CA LYS A 4 -2.04 -1.71 -2.11
C LYS A 4 -1.16 -0.47 -2.06
N LYS A 5 -1.73 0.61 -1.54
CA LYS A 5 -1.01 1.88 -1.43
C LYS A 5 0.07 1.80 -0.38
N ILE A 6 -0.25 1.06 0.67
CA ILE A 6 0.68 0.82 1.76
C ILE A 6 1.82 -0.05 1.30
N LYS A 7 1.53 -1.05 0.49
CA LYS A 7 2.57 -1.94 0.03
C LYS A 7 3.61 -1.15 -0.76
N TRP A 8 3.16 -0.16 -1.50
CA TRP A 8 4.08 0.67 -2.24
C TRP A 8 5.01 1.47 -1.35
N LEU A 9 4.52 1.90 -0.19
CA LEU A 9 5.34 2.66 0.74
C LEU A 9 6.30 1.79 1.52
N LEU A 10 5.86 0.57 1.78
CA LEU A 10 6.66 -0.43 2.47
C LEU A 10 7.85 -0.85 1.62
N GLY A 1 -8.70 -1.17 -2.42
CA GLY A 1 -7.95 -1.68 -1.24
C GLY A 1 -6.78 -0.80 -0.90
N LEU A 2 -6.84 -0.13 0.25
CA LEU A 2 -5.77 0.77 0.70
C LEU A 2 -4.46 0.04 0.94
N LEU A 3 -4.50 -1.27 1.15
CA LEU A 3 -3.29 -2.04 1.39
C LEU A 3 -2.34 -1.99 0.21
N LYS A 4 -2.85 -1.70 -0.98
CA LYS A 4 -1.98 -1.61 -2.14
C LYS A 4 -1.09 -0.39 -2.04
N LYS A 5 -1.63 0.69 -1.50
CA LYS A 5 -0.88 1.94 -1.38
C LYS A 5 0.18 1.84 -0.32
N ILE A 6 -0.16 1.10 0.72
CA ILE A 6 0.75 0.89 1.83
C ILE A 6 1.87 -0.01 1.38
N LYS A 7 1.53 -1.04 0.61
CA LYS A 7 2.52 -1.97 0.15
C LYS A 7 3.58 -1.25 -0.67
N TRP A 8 3.17 -0.25 -1.43
CA TRP A 8 4.08 0.55 -2.21
C TRP A 8 5.02 1.38 -1.32
N LEU A 9 4.51 1.87 -0.19
CA LEU A 9 5.31 2.67 0.74
C LEU A 9 6.36 1.81 1.43
N LEU A 10 5.97 0.59 1.73
CA LEU A 10 6.84 -0.37 2.39
C LEU A 10 7.96 -0.82 1.47
N GLY A 1 -8.41 -0.05 4.24
CA GLY A 1 -8.26 -0.05 2.77
C GLY A 1 -6.90 0.40 2.34
N LEU A 2 -6.74 0.74 1.06
CA LEU A 2 -5.47 1.21 0.50
C LEU A 2 -4.29 0.25 0.76
N LEU A 3 -4.54 -1.05 0.83
CA LEU A 3 -3.47 -2.00 1.15
C LEU A 3 -2.42 -2.13 0.08
N LYS A 4 -2.77 -1.82 -1.16
CA LYS A 4 -1.80 -1.79 -2.23
C LYS A 4 -0.90 -0.60 -2.05
N LYS A 5 -1.48 0.49 -1.57
CA LYS A 5 -0.74 1.74 -1.41
C LYS A 5 0.18 1.63 -0.21
N ILE A 6 -0.25 0.85 0.74
CA ILE A 6 0.55 0.51 1.90
C ILE A 6 1.72 -0.35 1.50
N LYS A 7 1.47 -1.32 0.65
CA LYS A 7 2.48 -2.16 0.14
C LYS A 7 3.53 -1.36 -0.63
N TRP A 8 3.08 -0.34 -1.34
CA TRP A 8 3.96 0.52 -2.09
C TRP A 8 4.79 1.43 -1.19
N LEU A 9 4.24 1.75 -0.02
CA LEU A 9 4.92 2.62 0.93
C LEU A 9 6.09 1.94 1.60
N LEU A 10 6.07 0.62 1.59
CA LEU A 10 7.19 -0.17 2.08
C LEU A 10 8.45 0.11 1.26
N GLY A 1 -6.90 -0.77 -3.73
CA GLY A 1 -7.05 -1.03 -2.28
C GLY A 1 -6.10 -0.22 -1.45
N LEU A 2 -6.48 0.15 -0.24
CA LEU A 2 -5.61 0.92 0.64
C LEU A 2 -4.35 0.12 0.97
N LEU A 3 -4.49 -1.19 1.16
CA LEU A 3 -3.34 -2.04 1.44
C LEU A 3 -2.33 -2.05 0.30
N LYS A 4 -2.78 -1.77 -0.90
CA LYS A 4 -1.90 -1.72 -2.04
C LYS A 4 -1.02 -0.50 -1.95
N LYS A 5 -1.61 0.60 -1.50
CA LYS A 5 -0.87 1.85 -1.32
C LYS A 5 0.14 1.75 -0.20
N ILE A 6 -0.21 1.01 0.82
CA ILE A 6 0.70 0.77 1.93
C ILE A 6 1.84 -0.08 1.43
N LYS A 7 1.52 -1.10 0.65
CA LYS A 7 2.55 -1.97 0.14
C LYS A 7 3.53 -1.20 -0.73
N TRP A 8 3.05 -0.18 -1.42
CA TRP A 8 3.91 0.68 -2.21
C TRP A 8 4.86 1.49 -1.33
N LEU A 9 4.40 1.88 -0.15
CA LEU A 9 5.22 2.66 0.78
C LEU A 9 6.26 1.80 1.46
N LEU A 10 5.93 0.52 1.63
CA LEU A 10 6.84 -0.45 2.23
C LEU A 10 8.05 -0.66 1.34
N GLY A 1 -7.73 -0.62 -2.67
CA GLY A 1 -7.77 -0.15 -1.28
C GLY A 1 -6.40 0.22 -0.76
N LEU A 2 -6.35 0.58 0.52
CA LEU A 2 -5.14 1.07 1.16
C LEU A 2 -4.00 0.09 1.16
N LEU A 3 -4.25 -1.21 1.25
CA LEU A 3 -3.18 -2.19 1.34
C LEU A 3 -2.26 -2.15 0.13
N LYS A 4 -2.81 -1.81 -1.01
CA LYS A 4 -2.02 -1.69 -2.21
C LYS A 4 -1.09 -0.49 -2.13
N LYS A 5 -1.58 0.57 -1.51
CA LYS A 5 -0.81 1.79 -1.33
C LYS A 5 0.27 1.61 -0.29
N ILE A 6 -0.05 0.85 0.73
CA ILE A 6 0.90 0.55 1.79
C ILE A 6 1.99 -0.29 1.19
N LYS A 7 1.62 -1.23 0.33
CA LYS A 7 2.61 -2.07 -0.29
C LYS A 7 3.60 -1.25 -1.10
N TRP A 8 3.12 -0.18 -1.72
CA TRP A 8 3.97 0.71 -2.47
C TRP A 8 4.89 1.51 -1.54
N LEU A 9 4.36 1.88 -0.39
CA LEU A 9 5.05 2.78 0.54
C LEU A 9 6.05 2.12 1.46
N LEU A 10 5.76 0.90 1.85
CA LEU A 10 6.52 0.18 2.84
C LEU A 10 6.66 -1.31 2.56
N GLY A 1 -10.43 0.00 0.40
CA GLY A 1 -9.17 -0.43 1.03
C GLY A 1 -7.97 0.15 0.33
N LEU A 2 -6.86 0.30 1.05
CA LEU A 2 -5.63 0.93 0.53
C LEU A 2 -4.36 0.11 0.80
N LEU A 3 -4.47 -1.20 1.02
CA LEU A 3 -3.27 -2.01 1.27
C LEU A 3 -2.30 -1.99 0.10
N LYS A 4 -2.80 -1.78 -1.09
CA LYS A 4 -1.95 -1.65 -2.25
C LYS A 4 -1.03 -0.45 -2.13
N LYS A 5 -1.56 0.63 -1.61
CA LYS A 5 -0.80 1.86 -1.42
C LYS A 5 0.19 1.71 -0.29
N ILE A 6 -0.22 0.96 0.69
CA ILE A 6 0.65 0.67 1.83
C ILE A 6 1.80 -0.19 1.41
N LYS A 7 1.55 -1.19 0.58
CA LYS A 7 2.61 -2.07 0.18
C LYS A 7 3.64 -1.32 -0.65
N TRP A 8 3.21 -0.29 -1.37
CA TRP A 8 4.00 0.52 -2.12
C TRP A 8 4.91 1.41 -1.28
N LEU A 9 4.38 1.88 -0.16
CA LEU A 9 5.15 2.71 0.77
C LEU A 9 6.25 1.92 1.42
N LEU A 10 5.91 0.70 1.77
CA LEU A 10 6.83 -0.24 2.40
C LEU A 10 7.94 -0.63 1.43
N GLY A 1 -9.00 -0.65 -1.36
CA GLY A 1 -7.82 -1.51 -1.05
C GLY A 1 -6.61 -0.69 -0.65
N LEU A 2 -6.65 -0.07 0.51
CA LEU A 2 -5.55 0.79 0.99
C LEU A 2 -4.23 0.03 1.10
N LEU A 3 -4.29 -1.29 1.21
CA LEU A 3 -3.12 -2.14 1.31
C LEU A 3 -2.21 -1.97 0.12
N LYS A 4 -2.78 -1.65 -1.03
CA LYS A 4 -2.00 -1.44 -2.22
C LYS A 4 -1.10 -0.25 -2.09
N LYS A 5 -1.61 0.81 -1.51
CA LYS A 5 -0.82 2.02 -1.37
C LYS A 5 0.19 1.88 -0.26
N ILE A 6 -0.12 1.00 0.68
CA ILE A 6 0.80 0.69 1.75
C ILE A 6 1.94 -0.15 1.27
N LYS A 7 1.66 -1.16 0.47
CA LYS A 7 2.71 -2.06 0.08
C LYS A 7 3.78 -1.34 -0.69
N TRP A 8 3.28 -0.39 -1.44
CA TRP A 8 4.09 0.47 -2.28
C TRP A 8 4.95 1.43 -1.46
N LEU A 9 4.41 1.87 -0.33
CA LEU A 9 5.08 2.77 0.59
C LEU A 9 6.18 2.08 1.38
N LEU A 10 6.13 0.75 1.30
CA LEU A 10 6.98 -0.30 1.92
C LEU A 10 6.13 -1.10 2.90
N GLY A 1 -8.18 -0.98 -2.55
CA GLY A 1 -8.14 -0.50 -1.16
C GLY A 1 -6.83 0.17 -0.85
N LEU A 2 -6.53 0.41 0.43
CA LEU A 2 -5.29 1.09 0.81
C LEU A 2 -4.13 0.12 1.01
N LEU A 3 -4.39 -1.18 1.04
CA LEU A 3 -3.30 -2.14 1.25
C LEU A 3 -2.28 -2.11 0.14
N LYS A 4 -2.72 -1.84 -1.07
CA LYS A 4 -1.79 -1.68 -2.17
C LYS A 4 -0.94 -0.44 -2.01
N LYS A 5 -1.51 0.59 -1.40
CA LYS A 5 -0.77 1.83 -1.15
C LYS A 5 0.29 1.63 -0.11
N ILE A 6 -0.06 0.87 0.90
CA ILE A 6 0.89 0.54 1.96
C ILE A 6 1.99 -0.28 1.37
N LYS A 7 1.63 -1.24 0.54
CA LYS A 7 2.60 -2.11 -0.08
C LYS A 7 3.58 -1.30 -0.93
N TRP A 8 3.08 -0.24 -1.55
CA TRP A 8 3.92 0.62 -2.34
C TRP A 8 4.78 1.55 -1.49
N LEU A 9 4.27 1.96 -0.34
CA LEU A 9 5.00 2.85 0.56
C LEU A 9 6.14 2.14 1.25
N LEU A 10 5.88 0.91 1.63
CA LEU A 10 6.83 0.10 2.40
C LEU A 10 6.68 -1.41 2.25
N GLY A 1 -6.89 -1.49 -3.13
CA GLY A 1 -7.36 -0.71 -1.98
C GLY A 1 -6.23 -0.01 -1.26
N LEU A 2 -6.47 0.38 -0.02
CA LEU A 2 -5.46 1.06 0.79
C LEU A 2 -4.24 0.18 1.01
N LEU A 3 -4.46 -1.12 1.16
CA LEU A 3 -3.33 -2.03 1.40
C LEU A 3 -2.35 -2.06 0.25
N LYS A 4 -2.86 -1.87 -0.96
CA LYS A 4 -2.00 -1.80 -2.12
C LYS A 4 -1.10 -0.56 -2.06
N LYS A 5 -1.65 0.52 -1.53
CA LYS A 5 -0.89 1.77 -1.39
C LYS A 5 0.14 1.65 -0.28
N ILE A 6 -0.22 0.93 0.76
CA ILE A 6 0.69 0.65 1.87
C ILE A 6 1.83 -0.19 1.37
N LYS A 7 1.50 -1.18 0.55
CA LYS A 7 2.50 -2.07 0.01
C LYS A 7 3.56 -1.26 -0.74
N TRP A 8 3.12 -0.21 -1.42
CA TRP A 8 4.02 0.66 -2.15
C TRP A 8 4.90 1.51 -1.24
N LEU A 9 4.37 1.93 -0.10
CA LEU A 9 5.13 2.74 0.86
C LEU A 9 6.24 1.94 1.54
N LEU A 10 5.98 0.66 1.71
CA LEU A 10 6.91 -0.27 2.31
C LEU A 10 8.00 -0.66 1.31
#